data_4FLJ
#
_entry.id   4FLJ
#
_cell.length_a   47.992
_cell.length_b   77.355
_cell.length_c   48.479
_cell.angle_alpha   90.000
_cell.angle_beta   90.000
_cell.angle_gamma   90.000
#
_symmetry.space_group_name_H-M   'P 1 21 1'
#
loop_
_entity.id
_entity.type
_entity.pdbx_description
1 polymer 'Methionine aminopeptidase 1'
2 non-polymer 'MANGANESE (II) ION'
3 non-polymer (E,2R,3R,4S,5R)-N-[[(3S)-1-cyclopropylcarbonylpiperidin-3-yl]methyl]-2-methoxy-8,8-dimethyl-3,4,5-tris(oxidanyl)non-6-enamide
4 non-polymer 'SODIUM ION'
5 water water
#
_entity_poly.entity_id   1
_entity_poly.type   'polypeptide(L)'
_entity_poly.pdbx_seq_one_letter_code
;MYRYTGKLRPHYPLMPTRPVPSYIQRPDYADHPLGMSESEQALKGTSQIKLLSSEDIEGMRLVCRLAREVLDVAAGMIKP
GVTTEEIDHAVHLACIARNCYPSPLNYYNFPKSCCTSVNEVICHGIPDRRPLQEGDIVNVDITLYRNGYHGDLNETFFVG
EVDDGARKLVQTTYECLMQAIDAVKPGVRYRELGNIIQKHAQANGFSVVRSYCGHGIHKLFHTAPNVPHYAKNKAVGVMK
SGHVFTIEPMICEGGWQDETWPDGWTAVTRDGKRSAQFEHTLLVTDTGCEILTRRLDSARPHFMSQFEFELVDKLAAALE
HHHHHH
;
_entity_poly.pdbx_strand_id   A
#
# COMPACT_ATOMS: atom_id res chain seq x y z
N TYR A 2 -18.03 20.60 -2.58
CA TYR A 2 -16.74 19.98 -3.01
C TYR A 2 -16.53 20.01 -4.55
N ARG A 3 -15.46 20.65 -5.01
CA ARG A 3 -15.11 20.63 -6.40
C ARG A 3 -14.15 19.44 -6.70
N TYR A 4 -14.59 18.48 -7.51
CA TYR A 4 -13.72 17.34 -7.76
C TYR A 4 -12.54 17.76 -8.59
N THR A 5 -11.41 17.07 -8.45
CA THR A 5 -10.20 17.54 -9.17
C THR A 5 -10.05 16.93 -10.58
N GLY A 6 -10.75 15.85 -10.87
CA GLY A 6 -10.82 15.25 -12.21
C GLY A 6 -12.19 14.65 -12.48
N LYS A 7 -12.21 13.53 -13.20
CA LYS A 7 -13.45 12.95 -13.71
C LYS A 7 -14.01 11.92 -12.76
N LEU A 8 -13.16 11.43 -11.85
CA LEU A 8 -13.62 10.36 -10.92
C LEU A 8 -14.62 10.90 -9.90
N ARG A 9 -15.60 10.06 -9.58
CA ARG A 9 -16.55 10.40 -8.52
C ARG A 9 -16.74 9.19 -7.67
N PRO A 10 -17.13 9.40 -6.40
CA PRO A 10 -17.52 8.20 -5.64
C PRO A 10 -18.87 7.64 -6.18
N HIS A 11 -19.10 6.32 -6.08
CA HIS A 11 -20.34 5.71 -6.57
C HIS A 11 -21.01 5.02 -5.39
N TYR A 12 -21.99 5.70 -4.83
CA TYR A 12 -22.71 5.24 -3.66
C TYR A 12 -24.04 4.59 -4.08
N PRO A 13 -24.67 3.83 -3.16
CA PRO A 13 -24.32 3.56 -1.77
C PRO A 13 -23.18 2.51 -1.67
N LEU A 14 -22.50 2.48 -0.52
CA LEU A 14 -21.64 1.35 -0.27
C LEU A 14 -22.41 0.24 0.39
N MET A 15 -22.07 -1.00 0.06
CA MET A 15 -22.54 -2.18 0.83
C MET A 15 -22.24 -2.07 2.29
N PRO A 16 -23.15 -2.62 3.11
CA PRO A 16 -23.00 -2.67 4.56
C PRO A 16 -21.61 -3.29 4.87
N THR A 17 -21.01 -2.90 6.00
CA THR A 17 -19.73 -3.43 6.47
C THR A 17 -19.76 -4.96 6.44
N ARG A 18 -18.66 -5.58 6.01
CA ARG A 18 -18.65 -7.04 5.89
C ARG A 18 -18.15 -7.69 7.18
N PRO A 19 -18.91 -8.67 7.74
CA PRO A 19 -18.36 -9.21 8.97
C PRO A 19 -17.22 -10.23 8.67
N VAL A 20 -16.35 -10.38 9.65
CA VAL A 20 -15.25 -11.34 9.62
C VAL A 20 -15.63 -12.40 10.72
N PRO A 21 -15.65 -13.69 10.38
CA PRO A 21 -16.13 -14.70 11.40
C PRO A 21 -15.31 -14.60 12.67
N SER A 22 -15.91 -14.91 13.83
CA SER A 22 -15.26 -14.67 15.11
C SER A 22 -14.06 -15.58 15.37
N TYR A 23 -13.94 -16.67 14.59
CA TYR A 23 -12.80 -17.59 14.72
C TYR A 23 -11.47 -17.02 14.24
N ILE A 24 -11.55 -15.92 13.50
CA ILE A 24 -10.35 -15.25 12.94
C ILE A 24 -9.85 -14.22 13.91
N GLN A 25 -8.56 -14.25 14.20
CA GLN A 25 -7.98 -13.41 15.26
C GLN A 25 -7.96 -11.93 14.80
N ARG A 26 -8.35 -11.04 15.72
CA ARG A 26 -8.60 -9.61 15.33
C ARG A 26 -7.57 -8.72 15.90
N PRO A 27 -7.15 -7.65 15.14
CA PRO A 27 -6.30 -6.66 15.74
C PRO A 27 -7.11 -5.76 16.74
N ASP A 28 -6.40 -5.02 17.60
CA ASP A 28 -7.10 -4.25 18.69
C ASP A 28 -8.10 -3.24 18.17
N TYR A 29 -7.74 -2.54 17.11
CA TYR A 29 -8.69 -1.56 16.53
C TYR A 29 -9.93 -2.12 15.89
N ALA A 30 -10.00 -3.42 15.62
CA ALA A 30 -11.13 -4.07 15.01
C ALA A 30 -12.40 -3.80 15.77
N ASP A 31 -12.29 -3.74 17.09
CA ASP A 31 -13.48 -3.62 17.96
C ASP A 31 -13.52 -2.30 18.70
N HIS A 32 -12.60 -1.39 18.37
CA HIS A 32 -12.69 -0.05 18.91
C HIS A 32 -13.71 0.74 18.07
N PRO A 33 -14.62 1.49 18.74
CA PRO A 33 -15.70 2.10 17.97
C PRO A 33 -15.23 3.23 17.03
N LEU A 34 -14.08 3.84 17.29
CA LEU A 34 -13.49 4.79 16.29
C LEU A 34 -12.30 4.19 15.46
N GLY A 35 -12.09 2.90 15.62
CA GLY A 35 -11.01 2.23 14.89
C GLY A 35 -9.64 2.58 15.37
N MET A 36 -9.55 3.12 16.60
CA MET A 36 -8.23 3.46 17.15
C MET A 36 -7.44 2.26 17.66
N SER A 37 -6.11 2.31 17.48
CA SER A 37 -5.31 1.16 17.85
C SER A 37 -4.55 1.57 19.10
N GLU A 38 -4.89 1.00 20.24
CA GLU A 38 -4.30 1.50 21.49
C GLU A 38 -2.85 1.08 21.61
N SER A 39 -2.49 -0.07 21.04
CA SER A 39 -1.10 -0.47 20.96
C SER A 39 -0.25 0.48 20.07
N GLU A 40 -0.79 0.98 18.93
CA GLU A 40 -0.08 2.05 18.21
C GLU A 40 -0.05 3.39 18.99
N GLN A 41 -1.14 3.76 19.60
CA GLN A 41 -1.19 5.02 20.31
C GLN A 41 -0.21 5.06 21.50
N ALA A 42 -0.06 3.91 22.18
CA ALA A 42 0.85 3.75 23.31
C ALA A 42 2.24 4.04 22.80
N LEU A 43 2.48 3.81 21.49
CA LEU A 43 3.81 4.13 20.90
C LEU A 43 3.90 5.47 20.14
N LYS A 44 2.91 6.36 20.30
CA LYS A 44 2.74 7.50 19.35
C LYS A 44 4.01 8.24 18.92
N GLY A 45 4.73 8.79 19.88
CA GLY A 45 5.88 9.57 19.50
C GLY A 45 7.21 9.00 19.92
N THR A 46 7.49 7.75 19.54
CA THR A 46 8.84 7.15 19.71
C THR A 46 9.44 6.89 18.34
N SER A 47 10.77 7.00 18.29
CA SER A 47 11.51 6.83 17.08
C SER A 47 12.16 5.46 17.11
N GLN A 48 12.14 4.83 18.26
CA GLN A 48 12.72 3.50 18.51
C GLN A 48 12.21 2.38 17.52
N ILE A 49 13.11 1.75 16.75
CA ILE A 49 12.69 0.73 15.81
C ILE A 49 12.87 -0.64 16.42
N LYS A 50 11.84 -1.47 16.40
CA LYS A 50 11.96 -2.82 16.91
C LYS A 50 12.96 -3.67 16.11
N LEU A 51 13.74 -4.45 16.85
CA LEU A 51 14.58 -5.49 16.25
C LEU A 51 13.83 -6.80 16.36
N LEU A 52 13.44 -7.34 15.22
CA LEU A 52 12.54 -8.49 15.16
C LEU A 52 13.24 -9.76 15.64
N SER A 53 12.55 -10.53 16.47
CA SER A 53 13.01 -11.85 16.88
C SER A 53 12.91 -12.83 15.73
N SER A 54 13.59 -13.96 15.88
CA SER A 54 13.46 -15.08 15.01
C SER A 54 11.98 -15.44 14.68
N GLU A 55 11.22 -15.60 15.76
CA GLU A 55 9.81 -15.84 15.78
C GLU A 55 9.01 -14.70 15.06
N ASP A 56 9.40 -13.45 15.28
CA ASP A 56 8.71 -12.32 14.61
C ASP A 56 8.90 -12.46 13.09
N ILE A 57 10.16 -12.74 12.67
CA ILE A 57 10.47 -12.87 11.24
C ILE A 57 9.64 -13.96 10.58
N GLU A 58 9.50 -15.09 11.27
CA GLU A 58 8.65 -16.13 10.73
C GLU A 58 7.19 -15.69 10.55
N GLY A 59 6.70 -14.91 11.50
CA GLY A 59 5.32 -14.44 11.48
C GLY A 59 5.16 -13.45 10.37
N MET A 60 6.22 -12.66 10.17
CA MET A 60 6.18 -11.74 9.04
C MET A 60 6.29 -12.42 7.71
N ARG A 61 7.16 -13.44 7.60
CA ARG A 61 7.26 -14.17 6.33
C ARG A 61 5.94 -14.77 5.96
N LEU A 62 5.24 -15.27 6.97
CA LEU A 62 3.97 -15.93 6.69
C LEU A 62 2.90 -14.94 6.22
N VAL A 63 2.63 -13.93 7.03
CA VAL A 63 1.58 -13.00 6.69
C VAL A 63 1.80 -12.28 5.35
N CYS A 64 3.05 -11.97 5.07
CA CYS A 64 3.40 -11.27 3.80
C CYS A 64 3.22 -12.17 2.60
N ARG A 65 3.52 -13.46 2.75
N ARG A 65 3.54 -13.46 2.80
CA ARG A 65 3.20 -14.38 1.65
CA ARG A 65 3.22 -14.51 1.82
C ARG A 65 1.69 -14.51 1.45
C ARG A 65 1.75 -14.52 1.50
N LEU A 66 0.92 -14.59 2.54
CA LEU A 66 -0.55 -14.72 2.39
C LEU A 66 -1.07 -13.43 1.75
N ALA A 67 -0.49 -12.33 2.18
CA ALA A 67 -0.91 -11.02 1.59
C ALA A 67 -0.70 -11.00 0.10
N ARG A 68 0.49 -11.46 -0.33
CA ARG A 68 0.79 -11.55 -1.79
C ARG A 68 -0.25 -12.42 -2.48
N GLU A 69 -0.58 -13.57 -1.87
CA GLU A 69 -1.60 -14.41 -2.49
C GLU A 69 -2.91 -13.66 -2.74
N VAL A 70 -3.31 -12.87 -1.74
CA VAL A 70 -4.54 -12.06 -1.89
C VAL A 70 -4.42 -11.00 -2.93
N LEU A 71 -3.27 -10.32 -2.98
CA LEU A 71 -3.11 -9.28 -4.02
C LEU A 71 -3.23 -10.01 -5.36
N ASP A 72 -2.62 -11.20 -5.48
CA ASP A 72 -2.69 -11.90 -6.84
C ASP A 72 -4.13 -12.23 -7.26
N VAL A 73 -4.97 -12.59 -6.26
CA VAL A 73 -6.42 -12.81 -6.49
C VAL A 73 -7.05 -11.55 -7.08
N ALA A 74 -6.80 -10.44 -6.44
CA ALA A 74 -7.34 -9.15 -6.91
C ALA A 74 -6.79 -8.90 -8.32
N ALA A 75 -5.47 -9.12 -8.54
CA ALA A 75 -4.91 -8.95 -9.93
C ALA A 75 -5.68 -9.65 -11.05
N GLY A 76 -6.13 -10.85 -10.74
CA GLY A 76 -6.86 -11.72 -11.65
C GLY A 76 -8.21 -11.18 -12.04
N MET A 77 -8.71 -10.18 -11.32
CA MET A 77 -10.08 -9.67 -11.48
C MET A 77 -10.15 -8.34 -12.21
N ILE A 78 -8.99 -7.77 -12.55
CA ILE A 78 -8.89 -6.42 -13.05
C ILE A 78 -9.31 -6.53 -14.52
N LYS A 79 -10.53 -6.12 -14.80
CA LYS A 79 -10.92 -5.95 -16.20
C LYS A 79 -12.03 -4.93 -16.28
N PRO A 80 -12.26 -4.39 -17.50
CA PRO A 80 -13.43 -3.53 -17.73
C PRO A 80 -14.73 -4.06 -17.12
N GLY A 81 -15.43 -3.19 -16.40
CA GLY A 81 -16.79 -3.45 -15.99
C GLY A 81 -16.86 -4.12 -14.60
N VAL A 82 -15.75 -4.63 -14.10
CA VAL A 82 -15.70 -5.08 -12.70
C VAL A 82 -15.70 -3.88 -11.72
N THR A 83 -16.49 -3.92 -10.68
CA THR A 83 -16.52 -2.77 -9.75
C THR A 83 -15.48 -2.97 -8.65
N THR A 84 -15.06 -1.88 -8.08
CA THR A 84 -14.08 -1.98 -6.99
C THR A 84 -14.70 -2.67 -5.79
N GLU A 85 -16.01 -2.51 -5.57
CA GLU A 85 -16.59 -3.30 -4.47
C GLU A 85 -16.50 -4.79 -4.68
N GLU A 86 -16.67 -5.23 -5.94
CA GLU A 86 -16.56 -6.64 -6.25
C GLU A 86 -15.15 -7.13 -5.96
N ILE A 87 -14.16 -6.31 -6.30
CA ILE A 87 -12.77 -6.71 -6.03
C ILE A 87 -12.58 -6.84 -4.48
N ASP A 88 -13.14 -5.89 -3.77
CA ASP A 88 -13.00 -5.87 -2.29
C ASP A 88 -13.73 -7.09 -1.74
N HIS A 89 -14.90 -7.41 -2.25
CA HIS A 89 -15.57 -8.65 -1.70
C HIS A 89 -14.70 -9.90 -1.84
N ALA A 90 -14.12 -10.09 -3.05
CA ALA A 90 -13.22 -11.24 -3.34
C ALA A 90 -12.00 -11.24 -2.38
N VAL A 91 -11.46 -10.05 -2.13
CA VAL A 91 -10.33 -9.85 -1.20
C VAL A 91 -10.70 -10.29 0.21
N HIS A 92 -11.85 -9.83 0.66
CA HIS A 92 -12.34 -10.03 2.03
C HIS A 92 -12.48 -11.57 2.18
N LEU A 93 -13.06 -12.21 1.19
CA LEU A 93 -13.25 -13.72 1.29
C LEU A 93 -11.93 -14.48 1.22
N ALA A 94 -10.98 -13.94 0.45
CA ALA A 94 -9.69 -14.59 0.29
C ALA A 94 -8.93 -14.45 1.62
N CYS A 95 -9.06 -13.30 2.31
CA CYS A 95 -8.38 -13.13 3.61
C CYS A 95 -8.93 -14.21 4.57
N ILE A 96 -10.24 -14.28 4.62
CA ILE A 96 -10.94 -15.26 5.51
C ILE A 96 -10.56 -16.70 5.23
N ALA A 97 -10.50 -17.07 3.97
CA ALA A 97 -9.99 -18.37 3.56
C ALA A 97 -8.63 -18.65 4.08
N ARG A 98 -7.78 -17.62 4.23
CA ARG A 98 -6.46 -17.74 4.80
C ARG A 98 -6.38 -17.55 6.31
N ASN A 99 -7.54 -17.55 6.98
CA ASN A 99 -7.60 -17.29 8.44
C ASN A 99 -6.89 -16.04 8.84
N CYS A 100 -7.08 -15.02 8.00
CA CYS A 100 -6.50 -13.71 8.24
C CYS A 100 -7.60 -12.67 8.37
N TYR A 101 -7.32 -11.64 9.15
CA TYR A 101 -8.20 -10.47 9.19
C TYR A 101 -7.72 -9.46 8.12
N PRO A 102 -8.63 -8.88 7.36
CA PRO A 102 -8.25 -7.71 6.45
C PRO A 102 -7.97 -6.48 7.28
N SER A 103 -6.67 -6.21 7.49
CA SER A 103 -6.16 -5.12 8.38
C SER A 103 -6.82 -3.77 8.17
N PRO A 104 -7.16 -3.37 6.92
CA PRO A 104 -7.81 -2.02 6.72
C PRO A 104 -9.21 -1.89 7.29
N LEU A 105 -9.87 -3.03 7.51
CA LEU A 105 -11.30 -3.03 7.87
C LEU A 105 -11.41 -2.42 9.30
N ASN A 106 -12.06 -1.27 9.39
CA ASN A 106 -12.25 -0.48 10.66
C ASN A 106 -11.00 0.14 11.25
N TYR A 107 -9.92 0.20 10.42
CA TYR A 107 -8.70 0.84 10.82
C TYR A 107 -8.99 2.36 10.78
N TYR A 108 -9.07 2.97 11.96
CA TYR A 108 -9.60 4.34 12.01
C TYR A 108 -10.97 4.45 11.25
N ASN A 109 -11.85 3.44 11.33
CA ASN A 109 -13.18 3.40 10.70
C ASN A 109 -13.14 3.37 9.21
N PHE A 110 -11.96 3.01 8.66
CA PHE A 110 -11.96 2.66 7.19
C PHE A 110 -13.01 1.60 6.92
N PRO A 111 -13.88 1.78 5.88
CA PRO A 111 -15.12 0.99 5.79
C PRO A 111 -14.96 -0.35 5.01
N LYS A 112 -13.81 -0.55 4.35
CA LYS A 112 -13.61 -1.70 3.46
C LYS A 112 -12.42 -2.55 3.80
N SER A 113 -12.20 -3.58 2.98
CA SER A 113 -11.17 -4.54 3.30
C SER A 113 -9.88 -4.35 2.55
N CYS A 114 -9.82 -3.33 1.67
CA CYS A 114 -8.63 -3.04 0.92
C CYS A 114 -8.83 -1.60 0.36
N CYS A 115 -7.80 -1.01 -0.20
CA CYS A 115 -7.96 0.32 -0.84
C CYS A 115 -7.89 0.10 -2.36
N THR A 116 -8.75 0.78 -3.10
CA THR A 116 -8.79 0.72 -4.61
C THR A 116 -8.63 2.14 -5.15
N SER A 117 -7.48 2.44 -5.75
CA SER A 117 -7.21 3.86 -6.11
C SER A 117 -7.10 3.91 -7.64
N VAL A 118 -8.02 4.66 -8.26
CA VAL A 118 -8.13 4.74 -9.74
C VAL A 118 -7.59 6.08 -10.24
N ASN A 119 -6.74 6.05 -11.25
CA ASN A 119 -6.35 7.29 -11.94
C ASN A 119 -5.83 8.40 -11.01
N GLU A 120 -6.58 9.48 -10.77
CA GLU A 120 -6.08 10.66 -10.03
C GLU A 120 -6.07 10.37 -8.54
N VAL A 121 -6.61 9.21 -8.14
CA VAL A 121 -6.53 8.93 -6.72
C VAL A 121 -5.12 8.46 -6.45
N ILE A 122 -4.56 9.04 -5.38
CA ILE A 122 -3.15 8.82 -4.95
C ILE A 122 -3.10 7.54 -4.08
N CYS A 123 -4.06 7.48 -3.18
CA CYS A 123 -4.12 6.33 -2.26
C CYS A 123 -5.38 6.41 -1.43
N HIS A 124 -5.73 5.30 -0.78
CA HIS A 124 -6.83 5.16 0.15
C HIS A 124 -8.20 5.27 -0.45
N GLY A 125 -8.31 5.07 -1.76
CA GLY A 125 -9.67 5.07 -2.32
C GLY A 125 -10.51 3.92 -1.78
N ILE A 126 -11.78 4.19 -1.69
CA ILE A 126 -12.71 3.29 -1.06
C ILE A 126 -13.44 2.47 -2.08
N PRO A 127 -13.35 1.11 -1.97
CA PRO A 127 -14.06 0.33 -2.96
C PRO A 127 -15.55 0.75 -3.06
N ASP A 128 -16.10 0.88 -4.28
CA ASP A 128 -17.48 1.37 -4.36
C ASP A 128 -18.15 0.80 -5.63
N ARG A 129 -19.30 1.34 -6.04
CA ARG A 129 -19.98 0.79 -7.22
C ARG A 129 -19.44 1.11 -8.56
N ARG A 130 -18.36 1.87 -8.63
CA ARG A 130 -17.88 2.20 -9.94
C ARG A 130 -17.23 1.02 -10.72
N PRO A 131 -17.78 0.70 -11.91
CA PRO A 131 -17.15 -0.33 -12.79
C PRO A 131 -15.86 0.22 -13.33
N LEU A 132 -14.81 -0.58 -13.37
CA LEU A 132 -13.58 -0.11 -13.98
C LEU A 132 -13.79 0.15 -15.47
N GLN A 133 -13.07 1.13 -15.97
CA GLN A 133 -13.20 1.48 -17.38
C GLN A 133 -11.94 1.21 -18.13
N GLU A 134 -12.09 0.77 -19.38
CA GLU A 134 -10.94 0.60 -20.26
C GLU A 134 -10.10 1.84 -20.22
N GLY A 135 -8.77 1.69 -20.07
CA GLY A 135 -7.89 2.87 -20.05
C GLY A 135 -7.49 3.30 -18.62
N ASP A 136 -8.28 2.88 -17.64
CA ASP A 136 -8.00 3.23 -16.19
C ASP A 136 -6.66 2.66 -15.79
N ILE A 137 -6.08 3.18 -14.67
CA ILE A 137 -5.01 2.48 -13.98
C ILE A 137 -5.59 2.41 -12.58
N VAL A 138 -5.39 1.26 -11.99
CA VAL A 138 -6.04 0.99 -10.69
C VAL A 138 -4.98 0.33 -9.81
N ASN A 139 -4.90 0.85 -8.61
CA ASN A 139 -4.04 0.28 -7.57
C ASN A 139 -4.91 -0.47 -6.52
N VAL A 140 -4.53 -1.71 -6.24
CA VAL A 140 -5.15 -2.43 -5.13
C VAL A 140 -4.13 -2.55 -4.01
N ASP A 141 -4.52 -2.16 -2.78
CA ASP A 141 -3.54 -2.10 -1.65
C ASP A 141 -4.10 -3.09 -0.65
N ILE A 142 -3.38 -4.16 -0.38
CA ILE A 142 -3.78 -5.27 0.45
C ILE A 142 -2.98 -5.23 1.73
N THR A 143 -3.69 -5.40 2.84
CA THR A 143 -2.96 -5.62 4.13
C THR A 143 -3.70 -6.76 4.87
N LEU A 144 -2.92 -7.74 5.33
CA LEU A 144 -3.47 -8.89 6.08
C LEU A 144 -2.91 -8.90 7.51
N TYR A 145 -3.70 -9.51 8.42
CA TYR A 145 -3.28 -9.65 9.84
C TYR A 145 -3.41 -11.13 10.20
N ARG A 146 -2.33 -11.74 10.66
CA ARG A 146 -2.34 -13.18 10.95
C ARG A 146 -1.45 -13.44 12.16
N ASN A 147 -2.01 -14.11 13.18
CA ASN A 147 -1.23 -14.45 14.40
C ASN A 147 -0.50 -13.27 15.02
N GLY A 148 -1.06 -12.06 14.90
CA GLY A 148 -0.45 -10.89 15.55
C GLY A 148 0.39 -9.98 14.65
N TYR A 149 0.57 -10.35 13.36
CA TYR A 149 1.49 -9.66 12.42
C TYR A 149 0.73 -9.20 11.16
N HIS A 150 1.09 -8.01 10.67
CA HIS A 150 0.46 -7.40 9.49
C HIS A 150 1.46 -7.51 8.33
N GLY A 151 0.95 -7.67 7.10
CA GLY A 151 1.79 -7.67 5.94
C GLY A 151 1.07 -6.86 4.86
N ASP A 152 1.81 -5.96 4.19
CA ASP A 152 1.21 -4.81 3.52
C ASP A 152 1.92 -4.70 2.14
N LEU A 153 1.12 -4.69 1.06
CA LEU A 153 1.72 -4.54 -0.25
C LEU A 153 0.70 -3.96 -1.23
N ASN A 154 1.19 -3.41 -2.32
CA ASN A 154 0.23 -2.95 -3.35
C ASN A 154 0.82 -3.01 -4.74
N GLU A 155 -0.03 -3.06 -5.75
CA GLU A 155 0.48 -2.82 -7.10
C GLU A 155 -0.55 -1.96 -7.89
N THR A 156 -0.06 -1.29 -8.93
CA THR A 156 -0.95 -0.65 -9.92
C THR A 156 -1.08 -1.55 -11.12
N PHE A 157 -2.29 -1.59 -11.66
CA PHE A 157 -2.62 -2.49 -12.73
C PHE A 157 -3.22 -1.66 -13.83
N PHE A 158 -3.16 -2.20 -15.06
CA PHE A 158 -3.81 -1.58 -16.25
C PHE A 158 -5.21 -2.19 -16.46
N VAL A 159 -6.19 -1.38 -16.83
CA VAL A 159 -7.52 -1.89 -17.12
C VAL A 159 -7.66 -1.93 -18.66
N GLY A 160 -7.56 -3.13 -19.18
CA GLY A 160 -7.48 -3.31 -20.67
C GLY A 160 -6.29 -2.55 -21.20
N GLU A 161 -6.48 -1.86 -22.33
CA GLU A 161 -5.38 -1.14 -22.99
C GLU A 161 -5.30 0.23 -22.42
N VAL A 162 -4.09 0.68 -22.14
CA VAL A 162 -3.90 2.02 -21.59
C VAL A 162 -3.06 2.85 -22.53
N ASP A 163 -3.03 4.17 -22.33
CA ASP A 163 -2.22 5.07 -23.19
C ASP A 163 -0.75 5.08 -22.77
N ASP A 164 0.06 5.78 -23.56
CA ASP A 164 1.51 5.72 -23.33
C ASP A 164 1.95 6.35 -22.01
N GLY A 165 1.22 7.39 -21.62
CA GLY A 165 1.51 8.14 -20.39
C GLY A 165 1.28 7.23 -19.19
N ALA A 166 0.24 6.43 -19.26
CA ALA A 166 -0.07 5.49 -18.18
C ALA A 166 1.02 4.47 -18.07
N ARG A 167 1.45 3.92 -19.21
CA ARG A 167 2.53 2.89 -19.22
C ARG A 167 3.83 3.47 -18.61
N LYS A 168 4.17 4.69 -18.98
CA LYS A 168 5.39 5.33 -18.45
C LYS A 168 5.27 5.66 -16.95
N LEU A 169 4.10 6.12 -16.53
CA LEU A 169 3.91 6.47 -15.14
C LEU A 169 4.07 5.22 -14.26
N VAL A 170 3.36 4.19 -14.66
CA VAL A 170 3.37 2.95 -13.93
C VAL A 170 4.79 2.34 -13.90
N GLN A 171 5.42 2.20 -15.08
CA GLN A 171 6.79 1.72 -15.16
C GLN A 171 7.77 2.52 -14.25
N THR A 172 7.71 3.85 -14.30
CA THR A 172 8.65 4.60 -13.54
C THR A 172 8.40 4.45 -12.06
N THR A 173 7.12 4.33 -11.69
CA THR A 173 6.79 4.21 -10.26
C THR A 173 7.39 2.89 -9.74
N TYR A 174 7.27 1.85 -10.54
CA TYR A 174 7.75 0.56 -10.16
C TYR A 174 9.28 0.61 -10.11
N GLU A 175 9.91 1.24 -11.10
CA GLU A 175 11.36 1.45 -10.99
C GLU A 175 11.78 2.20 -9.72
N CYS A 176 11.06 3.28 -9.38
CA CYS A 176 11.32 4.04 -8.12
C CYS A 176 11.37 3.11 -6.92
N LEU A 177 10.35 2.30 -6.75
CA LEU A 177 10.30 1.37 -5.58
C LEU A 177 11.51 0.43 -5.61
N MET A 178 11.78 -0.12 -6.75
CA MET A 178 12.86 -1.13 -6.83
C MET A 178 14.26 -0.52 -6.69
N GLN A 179 14.52 0.71 -7.16
CA GLN A 179 15.80 1.34 -6.91
C GLN A 179 15.93 1.58 -5.40
N ALA A 180 14.81 1.88 -4.72
CA ALA A 180 14.87 2.20 -3.27
C ALA A 180 15.19 0.87 -2.56
N ILE A 181 14.46 -0.18 -2.94
CA ILE A 181 14.73 -1.53 -2.38
C ILE A 181 16.17 -2.00 -2.58
N ASP A 182 16.69 -1.81 -3.77
CA ASP A 182 18.09 -2.11 -4.04
C ASP A 182 19.12 -1.46 -3.10
N ALA A 183 18.81 -0.31 -2.51
CA ALA A 183 19.73 0.45 -1.63
C ALA A 183 19.64 0.02 -0.19
N VAL A 184 18.57 -0.74 0.16
CA VAL A 184 18.35 -1.18 1.55
C VAL A 184 19.42 -2.19 1.95
N LYS A 185 20.03 -1.93 3.10
CA LYS A 185 21.00 -2.84 3.68
C LYS A 185 21.43 -2.19 4.99
N PRO A 186 21.96 -2.98 5.93
CA PRO A 186 22.29 -2.37 7.24
C PRO A 186 23.24 -1.18 7.11
N GLY A 187 22.98 -0.10 7.82
CA GLY A 187 23.85 1.06 7.87
C GLY A 187 23.38 2.25 7.05
N VAL A 188 22.46 1.97 6.11
CA VAL A 188 21.86 3.03 5.31
C VAL A 188 20.80 3.81 6.11
N ARG A 189 20.77 5.13 5.92
CA ARG A 189 19.79 5.93 6.66
C ARG A 189 18.40 5.84 5.99
N TYR A 190 17.33 5.80 6.78
CA TYR A 190 15.95 5.80 6.15
C TYR A 190 15.73 7.00 5.24
N ARG A 191 16.31 8.14 5.61
CA ARG A 191 16.08 9.36 4.85
C ARG A 191 16.66 9.35 3.45
N GLU A 192 17.50 8.37 3.16
CA GLU A 192 18.16 8.30 1.85
C GLU A 192 17.24 7.77 0.75
N LEU A 193 16.29 6.93 1.13
CA LEU A 193 15.44 6.29 0.13
C LEU A 193 14.69 7.36 -0.69
N GLY A 194 14.20 8.37 -0.01
CA GLY A 194 13.46 9.49 -0.70
C GLY A 194 14.34 10.20 -1.74
N ASN A 195 15.65 10.22 -1.47
CA ASN A 195 16.55 10.86 -2.46
C ASN A 195 16.57 10.09 -3.78
N ILE A 196 16.66 8.77 -3.66
CA ILE A 196 16.72 7.88 -4.77
C ILE A 196 15.41 7.95 -5.56
N ILE A 197 14.29 7.85 -4.82
CA ILE A 197 12.99 7.89 -5.42
C ILE A 197 12.77 9.16 -6.25
N GLN A 198 12.91 10.30 -5.62
CA GLN A 198 12.73 11.59 -6.29
C GLN A 198 13.69 11.76 -7.46
N LYS A 199 14.94 11.39 -7.28
CA LYS A 199 15.88 11.48 -8.39
C LYS A 199 15.35 10.78 -9.68
N HIS A 200 14.81 9.56 -9.56
CA HIS A 200 14.33 8.83 -10.72
C HIS A 200 12.96 9.36 -11.23
N ALA A 201 12.08 9.75 -10.31
CA ALA A 201 10.77 10.27 -10.74
C ALA A 201 11.02 11.59 -11.52
N GLN A 202 11.92 12.40 -10.96
CA GLN A 202 12.21 13.70 -11.64
C GLN A 202 12.84 13.51 -13.01
N ALA A 203 13.68 12.49 -13.19
CA ALA A 203 14.35 12.23 -14.48
C ALA A 203 13.34 11.83 -15.55
N ASN A 204 12.13 11.44 -15.15
CA ASN A 204 11.07 11.05 -16.09
C ASN A 204 9.92 12.03 -16.08
N GLY A 205 10.15 13.20 -15.51
CA GLY A 205 9.09 14.27 -15.60
C GLY A 205 7.93 14.18 -14.61
N PHE A 206 8.11 13.40 -13.53
CA PHE A 206 7.02 13.10 -12.55
C PHE A 206 7.37 13.65 -11.22
N SER A 207 6.38 13.75 -10.31
CA SER A 207 6.62 14.28 -8.98
C SER A 207 6.31 13.26 -7.93
N VAL A 208 6.72 13.56 -6.70
CA VAL A 208 6.59 12.63 -5.60
C VAL A 208 5.65 13.17 -4.53
N VAL A 209 4.62 12.41 -4.18
CA VAL A 209 3.68 12.75 -3.09
C VAL A 209 4.43 12.92 -1.76
N ARG A 210 4.17 14.03 -1.06
CA ARG A 210 4.81 14.30 0.26
C ARG A 210 4.01 13.88 1.50
N SER A 211 2.70 13.74 1.38
CA SER A 211 1.86 13.71 2.56
C SER A 211 1.67 12.30 3.14
N TYR A 212 2.11 11.27 2.44
CA TYR A 212 1.96 9.86 2.94
C TYR A 212 3.28 9.14 2.80
N CYS A 213 3.65 8.38 3.85
CA CYS A 213 5.00 7.79 3.97
C CYS A 213 4.92 6.26 4.13
N GLY A 214 6.01 5.54 3.80
CA GLY A 214 6.12 4.11 4.15
C GLY A 214 6.43 4.10 5.65
N HIS A 215 6.50 2.92 6.22
CA HIS A 215 6.41 2.81 7.67
C HIS A 215 6.86 1.43 8.14
N GLY A 216 7.36 1.39 9.38
CA GLY A 216 7.54 0.12 10.00
C GLY A 216 6.24 -0.63 10.11
N ILE A 217 6.32 -1.95 10.16
CA ILE A 217 5.11 -2.72 10.27
C ILE A 217 5.55 -4.01 10.84
N HIS A 218 4.74 -4.52 11.75
CA HIS A 218 4.93 -5.87 12.24
C HIS A 218 3.75 -6.20 13.16
N LYS A 219 3.89 -6.13 14.52
CA LYS A 219 2.73 -6.28 15.35
C LYS A 219 1.82 -5.06 15.27
N LEU A 220 2.35 -3.93 14.83
CA LEU A 220 1.56 -2.73 14.60
C LEU A 220 1.41 -2.64 13.08
N PHE A 221 0.30 -2.04 12.65
CA PHE A 221 0.06 -1.83 11.21
C PHE A 221 0.99 -0.69 10.77
N HIS A 222 1.04 0.43 11.52
CA HIS A 222 1.97 1.54 11.21
C HIS A 222 2.80 1.89 12.48
N THR A 223 4.11 1.92 12.35
CA THR A 223 4.96 2.22 13.54
C THR A 223 6.29 2.67 13.05
N ALA A 224 7.23 3.03 13.93
CA ALA A 224 8.54 3.52 13.46
C ALA A 224 9.24 2.47 12.60
N PRO A 225 10.02 2.91 11.61
CA PRO A 225 10.43 4.24 11.20
C PRO A 225 9.39 4.87 10.27
N ASN A 226 9.37 6.18 10.19
CA ASN A 226 8.63 6.81 9.09
C ASN A 226 9.54 6.73 7.89
N VAL A 227 9.01 6.50 6.67
CA VAL A 227 9.87 6.41 5.50
C VAL A 227 9.31 7.30 4.40
N PRO A 228 9.72 8.60 4.38
CA PRO A 228 9.26 9.53 3.35
C PRO A 228 9.80 9.15 2.03
N HIS A 229 9.08 9.50 0.94
CA HIS A 229 9.55 9.09 -0.37
C HIS A 229 10.18 10.20 -1.22
N TYR A 230 10.25 11.36 -0.65
CA TYR A 230 10.76 12.56 -1.35
C TYR A 230 12.16 12.94 -0.86
N ALA A 231 12.85 13.78 -1.66
CA ALA A 231 14.25 14.13 -1.40
C ALA A 231 14.43 15.09 -0.21
N LYS A 232 15.55 14.97 0.49
CA LYS A 232 15.94 15.86 1.60
C LYS A 232 14.92 15.89 2.69
N ASN A 233 14.31 14.74 2.98
CA ASN A 233 13.36 14.64 4.06
C ASN A 233 14.21 14.45 5.32
N LYS A 234 13.64 14.69 6.47
CA LYS A 234 14.45 14.61 7.69
C LYS A 234 14.14 13.38 8.49
N ALA A 235 13.79 12.27 7.84
CA ALA A 235 13.48 11.02 8.54
C ALA A 235 14.61 10.52 9.48
N VAL A 236 14.23 9.95 10.61
CA VAL A 236 15.18 9.58 11.63
C VAL A 236 15.45 8.12 11.51
N GLY A 237 16.68 7.68 11.79
CA GLY A 237 16.97 6.26 11.90
C GLY A 237 17.89 5.70 10.84
N VAL A 238 18.46 4.54 11.16
CA VAL A 238 19.42 3.82 10.34
C VAL A 238 19.05 2.35 10.27
N MET A 239 19.04 1.80 9.04
CA MET A 239 18.66 0.41 8.86
C MET A 239 19.63 -0.55 9.56
N LYS A 240 19.07 -1.59 10.20
CA LYS A 240 19.84 -2.66 10.78
C LYS A 240 19.15 -3.97 10.46
N SER A 241 19.91 -5.08 10.39
CA SER A 241 19.28 -6.43 10.19
C SER A 241 18.24 -6.64 11.24
N GLY A 242 17.08 -7.07 10.76
CA GLY A 242 15.95 -7.32 11.66
C GLY A 242 14.89 -6.23 11.66
N HIS A 243 15.18 -5.06 11.05
CA HIS A 243 14.16 -4.04 10.79
C HIS A 243 13.20 -4.49 9.64
N VAL A 244 11.94 -4.21 9.86
CA VAL A 244 10.88 -4.49 8.83
C VAL A 244 10.07 -3.27 8.63
N PHE A 245 9.89 -2.86 7.36
CA PHE A 245 9.15 -1.66 7.10
C PHE A 245 8.67 -1.72 5.63
N THR A 246 7.83 -0.74 5.25
CA THR A 246 7.39 -0.69 3.84
C THR A 246 8.06 0.44 3.10
N ILE A 247 8.12 0.31 1.79
CA ILE A 247 8.45 1.46 0.96
C ILE A 247 7.26 1.53 -0.01
N GLU A 248 6.67 2.71 -0.27
CA GLU A 248 5.39 2.67 -1.04
C GLU A 248 5.18 3.96 -1.81
N PRO A 249 6.14 4.27 -2.69
CA PRO A 249 6.10 5.62 -3.33
C PRO A 249 4.83 5.81 -4.23
N MET A 250 4.29 7.04 -4.19
CA MET A 250 3.18 7.51 -4.99
C MET A 250 3.76 8.61 -5.84
N ILE A 251 3.66 8.41 -7.15
CA ILE A 251 4.31 9.30 -8.12
C ILE A 251 3.21 9.87 -9.02
N CYS A 252 3.36 11.11 -9.49
CA CYS A 252 2.26 11.78 -10.15
C CYS A 252 2.71 12.35 -11.48
N GLU A 253 1.80 12.31 -12.47
CA GLU A 253 2.01 12.90 -13.81
C GLU A 253 2.24 14.41 -13.74
N GLY A 254 1.49 15.11 -12.86
CA GLY A 254 1.57 16.59 -12.70
C GLY A 254 2.31 16.93 -11.41
N GLY A 255 1.72 17.78 -10.58
CA GLY A 255 2.30 18.27 -9.36
C GLY A 255 2.10 17.27 -8.24
N TRP A 256 2.87 17.44 -7.19
CA TRP A 256 2.87 16.54 -6.11
C TRP A 256 1.69 16.79 -5.11
N GLN A 257 1.04 17.97 -5.17
CA GLN A 257 0.05 18.30 -4.11
C GLN A 257 -1.18 17.37 -4.12
N ASP A 258 -1.53 16.89 -2.94
CA ASP A 258 -2.77 16.11 -2.70
C ASP A 258 -3.85 16.88 -1.92
N GLU A 259 -5.12 16.47 -2.04
CA GLU A 259 -6.17 16.87 -1.12
C GLU A 259 -7.05 15.61 -0.91
N THR A 260 -7.93 15.70 0.03
CA THR A 260 -8.79 14.57 0.39
C THR A 260 -10.25 14.83 0.08
N TRP A 261 -10.94 13.82 -0.43
CA TRP A 261 -12.38 13.86 -0.63
C TRP A 261 -13.17 14.06 0.66
N PRO A 262 -14.42 14.53 0.54
CA PRO A 262 -15.31 14.67 1.71
C PRO A 262 -15.51 13.32 2.49
N ASP A 263 -15.22 12.18 1.88
CA ASP A 263 -15.27 10.91 2.62
C ASP A 263 -14.20 10.80 3.71
N GLY A 264 -13.26 11.75 3.74
CA GLY A 264 -12.17 11.73 4.77
C GLY A 264 -11.03 10.73 4.52
N TRP A 265 -11.02 10.06 3.35
CA TRP A 265 -10.04 9.01 2.99
C TRP A 265 -9.39 9.17 1.62
N THR A 266 -10.23 9.36 0.64
CA THR A 266 -9.70 9.33 -0.72
C THR A 266 -8.79 10.53 -1.01
N ALA A 267 -7.53 10.26 -1.29
CA ALA A 267 -6.57 11.30 -1.50
C ALA A 267 -6.35 11.39 -3.00
N VAL A 268 -6.38 12.62 -3.52
CA VAL A 268 -6.33 12.79 -4.97
C VAL A 268 -5.32 13.91 -5.31
N THR A 269 -4.79 13.86 -6.54
CA THR A 269 -3.96 14.96 -7.04
C THR A 269 -4.86 16.22 -7.06
N ARG A 270 -4.30 17.34 -6.58
CA ARG A 270 -5.02 18.63 -6.70
C ARG A 270 -5.24 19.05 -8.15
N ASP A 271 -4.34 18.64 -9.03
CA ASP A 271 -4.50 18.96 -10.44
C ASP A 271 -5.27 17.95 -11.24
N GLY A 272 -5.67 16.82 -10.63
CA GLY A 272 -6.47 15.89 -11.39
C GLY A 272 -5.71 15.03 -12.37
N LYS A 273 -4.38 15.11 -12.36
CA LYS A 273 -3.60 14.25 -13.22
C LYS A 273 -3.39 12.87 -12.51
N ARG A 274 -2.88 11.90 -13.22
CA ARG A 274 -2.84 10.50 -12.63
C ARG A 274 -1.69 10.32 -11.64
N SER A 275 -1.85 9.31 -10.76
CA SER A 275 -0.81 9.02 -9.78
C SER A 275 -0.73 7.51 -9.68
N ALA A 276 0.46 6.93 -9.49
CA ALA A 276 0.54 5.46 -9.44
C ALA A 276 1.42 5.12 -8.19
N GLN A 277 1.33 3.89 -7.74
CA GLN A 277 1.99 3.48 -6.49
C GLN A 277 2.41 2.00 -6.55
N PHE A 278 3.50 1.62 -5.86
CA PHE A 278 3.77 0.24 -5.62
C PHE A 278 4.27 0.16 -4.17
N GLU A 279 4.04 -0.99 -3.52
CA GLU A 279 4.50 -1.11 -2.13
C GLU A 279 5.02 -2.51 -1.88
N HIS A 280 6.12 -2.68 -1.10
CA HIS A 280 6.45 -3.99 -0.61
C HIS A 280 6.74 -3.79 0.89
N THR A 281 6.65 -4.89 1.64
CA THR A 281 7.15 -5.01 3.07
C THR A 281 8.53 -5.68 2.95
N LEU A 282 9.55 -5.09 3.57
CA LEU A 282 10.96 -5.50 3.45
C LEU A 282 11.45 -5.87 4.85
N LEU A 283 12.31 -6.87 4.91
CA LEU A 283 13.10 -7.14 6.09
C LEU A 283 14.58 -6.92 5.76
N VAL A 284 15.29 -6.16 6.58
CA VAL A 284 16.73 -5.87 6.35
C VAL A 284 17.48 -7.10 6.84
N THR A 285 18.41 -7.60 6.03
CA THR A 285 19.20 -8.78 6.37
C THR A 285 20.68 -8.37 6.16
N ASP A 286 21.62 -9.21 6.51
CA ASP A 286 23.04 -8.83 6.36
C ASP A 286 23.48 -8.51 4.91
N THR A 287 22.87 -9.18 3.96
CA THR A 287 23.26 -8.97 2.57
C THR A 287 22.47 -7.85 1.82
N GLY A 288 21.47 -7.28 2.50
CA GLY A 288 20.64 -6.27 1.91
C GLY A 288 19.28 -6.44 2.56
N CYS A 289 18.36 -6.96 1.78
CA CYS A 289 17.00 -7.13 2.31
C CYS A 289 16.24 -8.26 1.67
N GLU A 290 15.24 -8.77 2.38
CA GLU A 290 14.41 -9.81 1.84
C GLU A 290 13.06 -9.15 1.53
N ILE A 291 12.54 -9.35 0.32
CA ILE A 291 11.27 -8.68 -0.03
C ILE A 291 10.19 -9.64 0.34
N LEU A 292 9.56 -9.42 1.51
CA LEU A 292 8.68 -10.43 2.06
C LEU A 292 7.39 -10.58 1.28
N THR A 293 7.08 -9.55 0.47
CA THR A 293 5.80 -9.55 -0.20
C THR A 293 6.05 -9.79 -1.68
N ARG A 294 7.26 -10.22 -2.05
CA ARG A 294 7.52 -10.52 -3.50
C ARG A 294 6.64 -11.60 -4.04
N ARG A 295 6.50 -11.66 -5.37
CA ARG A 295 6.05 -12.90 -6.03
C ARG A 295 7.03 -14.05 -5.94
N LEU A 296 6.51 -15.27 -5.72
CA LEU A 296 7.37 -16.42 -5.59
C LEU A 296 7.52 -17.21 -6.91
N ASP A 297 6.60 -16.96 -7.83
CA ASP A 297 6.36 -17.83 -8.95
C ASP A 297 6.30 -17.04 -10.24
N SER A 298 6.77 -15.81 -10.21
CA SER A 298 6.74 -15.02 -11.44
C SER A 298 7.69 -13.87 -11.29
N ALA A 299 8.39 -13.62 -12.38
CA ALA A 299 9.47 -12.67 -12.45
C ALA A 299 9.06 -11.23 -12.26
N ARG A 300 7.86 -10.87 -12.70
CA ARG A 300 7.55 -9.47 -12.89
C ARG A 300 6.25 -9.14 -12.14
N PRO A 301 6.04 -7.86 -11.84
CA PRO A 301 4.73 -7.40 -11.33
C PRO A 301 3.65 -7.57 -12.42
N HIS A 302 2.39 -7.53 -12.01
CA HIS A 302 1.30 -7.90 -12.90
C HIS A 302 1.22 -7.06 -14.10
N PHE A 303 1.47 -5.74 -14.00
CA PHE A 303 1.32 -4.87 -15.17
C PHE A 303 2.23 -5.22 -16.35
N MET A 304 3.35 -5.91 -16.11
N MET A 304 3.32 -5.94 -16.05
CA MET A 304 4.26 -6.24 -17.22
CA MET A 304 4.29 -6.37 -17.06
C MET A 304 3.76 -7.39 -18.14
C MET A 304 3.98 -7.72 -17.71
N SER A 305 2.71 -8.12 -17.75
CA SER A 305 2.30 -9.36 -18.50
C SER A 305 1.04 -9.27 -19.36
#